data_6NNC
#
_entry.id   6NNC
#
_cell.length_a   61.346
_cell.length_b   70.718
_cell.length_c   72.216
_cell.angle_alpha   90.000
_cell.angle_beta   90.000
_cell.angle_gamma   90.000
#
_symmetry.space_group_name_H-M   'P 21 21 21'
#
loop_
_entity.id
_entity.type
_entity.pdbx_description
1 polymer 'Dihydrofolate reductase'
2 non-polymer 'NADPH DIHYDRO-NICOTINAMIDE-ADENINE-DINUCLEOTIDE PHOSPHATE'
3 non-polymer 'COBALT (II) ION'
4 non-polymer '2-{4-[2-(2-AMINO-4-OXO-4,7-DIHYDRO-3H-PYRROLO[2,3-D]PYRIMIDIN-5-YL)-ETHYL]-BENZOYLAMINO}-PENTANEDIOIC ACID'
5 non-polymer 'SULFATE ION'
6 water water
#
_entity_poly.entity_id   1
_entity_poly.type   'polypeptide(L)'
_entity_poly.pdbx_seq_one_letter_code
;MVGLIWAQATSGVIGRGGDIPWRLPEDQAHFREITMGHTIVMGRRTWDSLPAKVRPLPGRRNVVLSRQADFMASGAEVVG
SLEEALTSPETWVIGGGQVYALALPYATRCEVTEVDIGLPREAGDALAPVLDETWRGETGEWRFSRSGLRYRLYSYHRS
;
_entity_poly.pdbx_strand_id   A,B
#
loop_
_chem_comp.id
_chem_comp.type
_chem_comp.name
_chem_comp.formula
CO non-polymer 'COBALT (II) ION' 'Co 2'
LYA non-polymer '2-{4-[2-(2-AMINO-4-OXO-4,7-DIHYDRO-3H-PYRROLO[2,3-D]PYRIMIDIN-5-YL)-ETHYL]-BENZOYLAMINO}-PENTANEDIOIC ACID' 'C20 H21 N5 O6'
NDP non-polymer 'NADPH DIHYDRO-NICOTINAMIDE-ADENINE-DINUCLEOTIDE PHOSPHATE' 'C21 H30 N7 O17 P3'
SO4 non-polymer 'SULFATE ION' 'O4 S -2'
#
# COMPACT_ATOMS: atom_id res chain seq x y z
N MET A 1 6.36 5.14 6.46
CA MET A 1 5.38 4.08 6.26
C MET A 1 5.86 2.78 6.93
N VAL A 2 5.13 2.32 7.95
CA VAL A 2 5.34 0.99 8.50
C VAL A 2 4.17 0.11 8.10
N GLY A 3 4.49 -0.99 7.44
CA GLY A 3 3.50 -2.01 7.11
C GLY A 3 3.86 -3.31 7.80
N LEU A 4 2.83 -4.12 8.04
CA LEU A 4 3.03 -5.49 8.51
C LEU A 4 2.63 -6.41 7.37
N ILE A 5 3.37 -7.49 7.18
CA ILE A 5 2.97 -8.47 6.18
C ILE A 5 3.09 -9.85 6.81
N TRP A 6 2.02 -10.64 6.71
CA TRP A 6 2.02 -11.97 7.30
C TRP A 6 1.07 -12.87 6.53
N ALA A 7 1.25 -14.18 6.74
CA ALA A 7 0.33 -15.21 6.27
C ALA A 7 -0.23 -15.95 7.48
N GLN A 8 -1.55 -16.17 7.50
CA GLN A 8 -2.19 -16.84 8.62
C GLN A 8 -3.15 -17.93 8.13
N ALA A 9 -3.32 -18.96 8.96
CA ALA A 9 -4.49 -19.82 8.87
C ALA A 9 -5.74 -19.03 9.24
N THR A 10 -6.90 -19.58 8.88
CA THR A 10 -8.15 -18.90 9.23
C THR A 10 -8.27 -18.71 10.73
N SER A 11 -7.68 -19.61 11.52
CA SER A 11 -7.74 -19.51 12.99
C SER A 11 -6.91 -18.36 13.55
N GLY A 12 -6.02 -17.77 12.77
CA GLY A 12 -5.09 -16.78 13.28
C GLY A 12 -3.69 -17.28 13.52
N VAL A 13 -3.46 -18.61 13.45
CA VAL A 13 -2.11 -19.14 13.65
C VAL A 13 -1.18 -18.63 12.55
N ILE A 14 -0.02 -18.12 12.94
CA ILE A 14 1.03 -17.78 11.97
C ILE A 14 2.28 -18.63 12.12
N GLY A 15 2.51 -19.27 13.26
CA GLY A 15 3.72 -20.03 13.45
C GLY A 15 3.50 -21.12 14.47
N ARG A 16 4.27 -22.20 14.35
CA ARG A 16 4.14 -23.31 15.26
C ARG A 16 5.46 -24.05 15.27
N GLY A 17 5.96 -24.38 16.47
CA GLY A 17 7.24 -25.09 16.58
C GLY A 17 8.44 -24.36 16.03
N GLY A 18 8.39 -23.03 16.02
CA GLY A 18 9.45 -22.23 15.44
C GLY A 18 9.45 -22.13 13.93
N ASP A 19 8.44 -22.68 13.26
CA ASP A 19 8.37 -22.63 11.81
C ASP A 19 6.91 -22.39 11.43
N ILE A 20 6.56 -22.72 10.20
CA ILE A 20 5.24 -22.46 9.64
C ILE A 20 4.66 -23.77 9.08
N PRO A 21 3.41 -24.12 9.40
CA PRO A 21 2.90 -25.43 8.96
C PRO A 21 2.24 -25.43 7.57
N TRP A 22 2.81 -24.66 6.65
CA TRP A 22 2.42 -24.65 5.23
C TRP A 22 3.53 -23.95 4.48
N ARG A 23 3.45 -23.99 3.15
CA ARG A 23 4.32 -23.16 2.33
C ARG A 23 3.67 -22.98 0.97
N LEU A 24 3.38 -21.74 0.61
CA LEU A 24 2.67 -21.43 -0.63
C LEU A 24 3.62 -20.64 -1.48
N PRO A 25 4.14 -21.19 -2.56
CA PRO A 25 5.13 -20.44 -3.36
C PRO A 25 4.61 -19.09 -3.83
N GLU A 26 3.31 -19.01 -4.15
CA GLU A 26 2.71 -17.74 -4.57
C GLU A 26 2.71 -16.71 -3.46
N ASP A 27 2.53 -17.16 -2.21
CA ASP A 27 2.61 -16.23 -1.08
C ASP A 27 4.04 -15.76 -0.84
N GLN A 28 5.02 -16.65 -0.99
CA GLN A 28 6.42 -16.22 -0.88
C GLN A 28 6.78 -15.21 -1.96
N ALA A 29 6.30 -15.42 -3.19
CA ALA A 29 6.58 -14.46 -4.26
C ALA A 29 5.92 -13.12 -3.96
N HIS A 30 4.69 -13.15 -3.45
CA HIS A 30 4.00 -11.93 -3.03
C HIS A 30 4.76 -11.21 -1.92
N PHE A 31 5.25 -11.96 -0.93
CA PHE A 31 6.10 -11.38 0.11
C PHE A 31 7.33 -10.73 -0.50
N ARG A 32 7.98 -11.43 -1.44
CA ARG A 32 9.18 -10.86 -2.05
C ARG A 32 8.86 -9.56 -2.78
N GLU A 33 7.76 -9.54 -3.55
CA GLU A 33 7.39 -8.34 -4.30
C GLU A 33 7.19 -7.15 -3.39
N ILE A 34 6.44 -7.33 -2.30
CA ILE A 34 6.06 -6.22 -1.42
C ILE A 34 7.27 -5.71 -0.63
N THR A 35 8.17 -6.60 -0.22
CA THR A 35 9.25 -6.16 0.67
C THR A 35 10.51 -5.75 -0.08
N MET A 36 10.69 -6.19 -1.33
CA MET A 36 11.95 -5.98 -2.04
C MET A 36 12.34 -4.50 -2.07
N GLY A 37 13.62 -4.25 -1.78
CA GLY A 37 14.16 -2.91 -1.79
C GLY A 37 14.03 -2.16 -0.48
N HIS A 38 13.21 -2.65 0.45
CA HIS A 38 12.85 -1.90 1.64
C HIS A 38 13.53 -2.48 2.89
N THR A 39 13.28 -1.83 4.01
CA THR A 39 13.70 -2.37 5.30
C THR A 39 12.73 -3.46 5.69
N ILE A 40 13.24 -4.58 6.19
CA ILE A 40 12.40 -5.59 6.81
C ILE A 40 12.88 -5.76 8.25
N VAL A 41 11.92 -5.78 9.18
CA VAL A 41 12.20 -5.86 10.61
C VAL A 41 11.57 -7.15 11.11
N MET A 42 12.35 -7.95 11.82
CA MET A 42 11.89 -9.26 12.27
C MET A 42 12.36 -9.52 13.69
N GLY A 43 11.58 -10.32 14.43
CA GLY A 43 12.04 -10.78 15.72
C GLY A 43 13.16 -11.78 15.56
N ARG A 44 13.94 -11.96 16.63
CA ARG A 44 15.08 -12.88 16.57
C ARG A 44 14.64 -14.30 16.24
N ARG A 45 13.50 -14.73 16.78
CA ARG A 45 13.04 -16.08 16.47
C ARG A 45 12.73 -16.26 14.99
N THR A 46 12.25 -15.20 14.34
CA THR A 46 11.98 -15.29 12.90
C THR A 46 13.28 -15.27 12.09
N TRP A 47 14.27 -14.48 12.51
CA TRP A 47 15.60 -14.62 11.92
C TRP A 47 16.09 -16.07 12.01
N ASP A 48 15.94 -16.70 13.17
CA ASP A 48 16.36 -18.09 13.35
C ASP A 48 15.66 -19.02 12.36
N SER A 49 14.41 -18.70 11.97
CA SER A 49 13.65 -19.54 11.06
C SER A 49 14.15 -19.46 9.63
N LEU A 50 14.88 -18.41 9.28
CA LEU A 50 15.35 -18.25 7.91
C LEU A 50 16.40 -19.30 7.57
N PRO A 51 16.27 -19.99 6.44
CA PRO A 51 17.35 -20.88 5.97
C PRO A 51 18.62 -20.11 5.64
N ALA A 52 19.76 -20.74 5.93
CA ALA A 52 21.05 -20.05 5.82
C ALA A 52 21.24 -19.35 4.48
N LYS A 53 20.69 -19.90 3.40
CA LYS A 53 20.88 -19.34 2.07
C LYS A 53 19.96 -18.16 1.74
N VAL A 54 18.98 -17.85 2.58
CA VAL A 54 18.19 -16.66 2.33
C VAL A 54 18.35 -15.74 3.54
N ARG A 55 19.51 -15.85 4.17
CA ARG A 55 19.89 -15.04 5.33
C ARG A 55 21.12 -14.24 4.97
N PRO A 56 21.03 -12.94 4.72
CA PRO A 56 19.84 -12.08 4.74
C PRO A 56 18.97 -12.25 3.52
N LEU A 57 17.72 -11.82 3.61
CA LEU A 57 16.87 -11.78 2.45
C LEU A 57 17.40 -10.72 1.50
N PRO A 58 17.63 -11.06 0.22
CA PRO A 58 18.42 -10.18 -0.66
C PRO A 58 17.71 -8.90 -1.04
N GLY A 59 18.51 -7.86 -1.25
CA GLY A 59 17.98 -6.60 -1.75
C GLY A 59 17.20 -5.82 -0.73
N ARG A 60 17.29 -6.20 0.54
CA ARG A 60 16.54 -5.58 1.62
C ARG A 60 17.47 -5.32 2.81
N ARG A 61 17.16 -4.26 3.55
CA ARG A 61 17.86 -3.98 4.79
C ARG A 61 17.26 -4.88 5.87
N ASN A 62 17.96 -5.95 6.23
CA ASN A 62 17.45 -6.91 7.21
C ASN A 62 17.76 -6.39 8.62
N VAL A 63 16.72 -6.18 9.43
CA VAL A 63 16.90 -5.72 10.80
C VAL A 63 16.31 -6.75 11.73
N VAL A 64 17.04 -7.11 12.79
CA VAL A 64 16.60 -8.14 13.72
C VAL A 64 16.50 -7.52 15.10
N LEU A 65 15.35 -7.70 15.74
CA LEU A 65 15.11 -7.20 17.09
C LEU A 65 15.45 -8.28 18.11
N SER A 66 16.34 -7.96 19.06
CA SER A 66 16.74 -8.89 20.11
C SER A 66 17.08 -8.10 21.35
N ARG A 67 16.83 -8.68 22.52
CA ARG A 67 17.29 -8.10 23.78
C ARG A 67 18.70 -8.55 24.15
N GLN A 68 19.28 -9.48 23.39
CA GLN A 68 20.66 -9.95 23.55
C GLN A 68 21.57 -8.90 22.94
N ALA A 69 22.30 -8.15 23.77
CA ALA A 69 23.18 -7.11 23.26
C ALA A 69 24.26 -7.65 22.34
N ASP A 70 24.63 -8.93 22.45
CA ASP A 70 25.70 -9.49 21.65
C ASP A 70 25.23 -10.53 20.66
N PHE A 71 23.92 -10.59 20.40
CA PHE A 71 23.45 -11.53 19.39
C PHE A 71 23.96 -11.11 18.02
N MET A 72 24.43 -12.09 17.25
CA MET A 72 25.05 -11.83 15.96
C MET A 72 24.17 -12.43 14.88
N ALA A 73 23.84 -11.61 13.88
CA ALA A 73 23.01 -12.03 12.75
C ALA A 73 23.81 -11.58 11.52
N SER A 74 24.57 -12.51 10.94
CA SER A 74 25.43 -12.16 9.81
C SER A 74 24.61 -11.70 8.61
N GLY A 75 24.79 -10.44 8.20
CA GLY A 75 24.02 -9.86 7.13
C GLY A 75 22.84 -9.02 7.58
N ALA A 76 22.62 -8.93 8.89
CA ALA A 76 21.55 -8.12 9.44
C ALA A 76 22.13 -7.16 10.48
N GLU A 77 21.38 -6.10 10.72
CA GLU A 77 21.51 -5.25 11.89
C GLU A 77 20.72 -5.85 13.03
N VAL A 78 21.33 -5.95 14.21
CA VAL A 78 20.60 -6.34 15.42
C VAL A 78 20.38 -5.09 16.25
N VAL A 79 19.11 -4.79 16.56
CA VAL A 79 18.78 -3.62 17.36
C VAL A 79 17.98 -4.06 18.58
N GLY A 80 17.99 -3.21 19.61
CA GLY A 80 17.34 -3.56 20.86
C GLY A 80 15.99 -2.94 21.04
N SER A 81 15.51 -2.15 20.07
CA SER A 81 14.20 -1.53 20.13
C SER A 81 13.69 -1.34 18.71
N LEU A 82 12.36 -1.39 18.57
CA LEU A 82 11.75 -1.23 17.25
C LEU A 82 12.02 0.15 16.66
N GLU A 83 12.02 1.19 17.51
CA GLU A 83 12.16 2.55 17.01
C GLU A 83 13.47 2.75 16.24
N GLU A 84 14.53 2.06 16.64
CA GLU A 84 15.81 2.17 15.91
C GLU A 84 15.70 1.66 14.49
N ALA A 85 14.71 0.84 14.19
CA ALA A 85 14.59 0.21 12.88
C ALA A 85 13.82 1.06 11.87
N LEU A 86 13.16 2.12 12.31
CA LEU A 86 12.21 2.86 11.47
C LEU A 86 12.85 4.09 10.85
N THR A 87 13.91 3.95 10.06
CA THR A 87 14.57 5.12 9.49
C THR A 87 14.51 5.18 7.95
N SER A 88 13.62 4.41 7.33
CA SER A 88 13.53 4.35 5.88
C SER A 88 12.13 4.70 5.42
N PRO A 89 11.98 5.23 4.19
CA PRO A 89 10.64 5.58 3.69
C PRO A 89 9.60 4.47 3.80
N GLU A 90 10.00 3.22 3.56
CA GLU A 90 9.11 2.08 3.66
C GLU A 90 9.77 1.01 4.52
N THR A 91 9.10 0.64 5.60
CA THR A 91 9.56 -0.39 6.53
C THR A 91 8.48 -1.46 6.58
N TRP A 92 8.88 -2.71 6.37
CA TRP A 92 7.96 -3.84 6.46
C TRP A 92 8.31 -4.70 7.65
N VAL A 93 7.39 -4.81 8.59
CA VAL A 93 7.57 -5.68 9.74
C VAL A 93 7.13 -7.08 9.32
N ILE A 94 8.04 -8.04 9.42
CA ILE A 94 7.75 -9.37 8.91
C ILE A 94 7.62 -10.39 10.04
N GLY A 95 7.32 -9.95 11.26
CA GLY A 95 6.97 -10.89 12.32
C GLY A 95 8.14 -11.17 13.24
N GLY A 96 7.94 -12.11 14.17
CA GLY A 96 6.73 -12.92 14.23
C GLY A 96 5.66 -12.35 15.14
N GLY A 97 4.98 -13.22 15.88
CA GLY A 97 3.85 -12.78 16.69
C GLY A 97 4.19 -11.69 17.69
N GLN A 98 5.31 -11.84 18.40
CA GLN A 98 5.68 -10.81 19.38
C GLN A 98 5.92 -9.48 18.68
N VAL A 99 6.65 -9.50 17.58
CA VAL A 99 7.02 -8.24 16.95
C VAL A 99 5.84 -7.60 16.22
N TYR A 100 4.93 -8.40 15.65
CA TYR A 100 3.72 -7.78 15.08
C TYR A 100 2.96 -7.00 16.14
N ALA A 101 2.82 -7.56 17.34
CA ALA A 101 2.07 -6.87 18.39
C ALA A 101 2.77 -5.58 18.81
N LEU A 102 4.09 -5.61 18.84
CA LEU A 102 4.90 -4.46 19.21
C LEU A 102 4.86 -3.36 18.16
N ALA A 103 4.71 -3.73 16.90
CA ALA A 103 4.78 -2.78 15.80
C ALA A 103 3.42 -2.23 15.39
N LEU A 104 2.33 -2.90 15.79
CA LEU A 104 1.01 -2.48 15.32
C LEU A 104 0.70 -1.00 15.58
N PRO A 105 1.03 -0.39 16.72
CA PRO A 105 0.74 1.05 16.86
C PRO A 105 1.45 1.93 15.85
N TYR A 106 2.53 1.45 15.22
CA TYR A 106 3.23 2.25 14.23
C TYR A 106 2.73 2.02 12.82
N ALA A 107 1.81 1.09 12.61
CA ALA A 107 1.51 0.58 11.29
C ALA A 107 0.30 1.28 10.67
N THR A 108 0.40 1.51 9.36
CA THR A 108 -0.70 2.00 8.54
C THR A 108 -1.15 1.03 7.46
N ARG A 109 -0.41 -0.04 7.21
CA ARG A 109 -0.80 -1.04 6.23
C ARG A 109 -0.57 -2.42 6.83
N CYS A 110 -1.49 -3.34 6.55
CA CYS A 110 -1.25 -4.76 6.77
C CYS A 110 -1.56 -5.51 5.48
N GLU A 111 -0.60 -6.29 4.98
CA GLU A 111 -0.82 -7.11 3.82
C GLU A 111 -0.91 -8.54 4.32
N VAL A 112 -2.11 -9.12 4.26
CA VAL A 112 -2.41 -10.37 4.94
C VAL A 112 -2.71 -11.44 3.90
N THR A 113 -2.06 -12.60 4.01
CA THR A 113 -2.49 -13.75 3.24
C THR A 113 -3.26 -14.66 4.18
N GLU A 114 -4.52 -14.91 3.84
CA GLU A 114 -5.32 -15.89 4.56
C GLU A 114 -5.22 -17.22 3.82
N VAL A 115 -4.75 -18.24 4.53
CA VAL A 115 -4.58 -19.58 3.99
C VAL A 115 -5.76 -20.41 4.46
N ASP A 116 -6.47 -21.03 3.51
CA ASP A 116 -7.66 -21.82 3.81
C ASP A 116 -7.22 -23.19 4.33
N ILE A 117 -6.72 -23.18 5.56
CA ILE A 117 -6.30 -24.38 6.28
C ILE A 117 -6.95 -24.31 7.66
N GLY A 118 -7.55 -25.43 8.07
CA GLY A 118 -8.25 -25.55 9.33
C GLY A 118 -7.28 -25.97 10.41
N LEU A 119 -6.70 -24.99 11.11
CA LEU A 119 -5.59 -25.22 12.01
C LEU A 119 -5.94 -24.67 13.37
N PRO A 120 -6.49 -25.49 14.27
CA PRO A 120 -6.88 -24.98 15.60
C PRO A 120 -5.65 -24.45 16.34
N ARG A 121 -5.90 -23.41 17.14
CA ARG A 121 -4.84 -22.77 17.91
C ARG A 121 -4.39 -23.66 19.06
N GLU A 122 -3.07 -23.82 19.20
CA GLU A 122 -2.46 -24.65 20.24
C GLU A 122 -1.54 -23.80 21.10
N ALA A 123 -1.35 -24.21 22.35
CA ALA A 123 -0.40 -23.51 23.22
C ALA A 123 0.97 -23.45 22.55
N GLY A 124 1.58 -22.28 22.62
CA GLY A 124 2.86 -22.06 22.00
C GLY A 124 2.83 -21.52 20.59
N ASP A 125 1.66 -21.54 19.93
CA ASP A 125 1.55 -20.97 18.59
C ASP A 125 1.83 -19.48 18.62
N ALA A 126 2.44 -18.97 17.56
CA ALA A 126 2.46 -17.55 17.28
C ALA A 126 1.19 -17.18 16.52
N LEU A 127 0.60 -16.02 16.86
CA LEU A 127 -0.70 -15.62 16.32
C LEU A 127 -0.59 -14.28 15.60
N ALA A 128 -1.49 -14.08 14.64
CA ALA A 128 -1.60 -12.79 13.99
C ALA A 128 -2.16 -11.75 14.96
N PRO A 129 -1.79 -10.49 14.78
CA PRO A 129 -2.38 -9.43 15.61
C PRO A 129 -3.85 -9.20 15.27
N VAL A 130 -4.60 -8.75 16.27
CA VAL A 130 -6.00 -8.43 16.10
C VAL A 130 -6.12 -6.99 15.61
N LEU A 131 -6.89 -6.78 14.54
CA LEU A 131 -7.04 -5.47 13.93
C LEU A 131 -8.38 -4.89 14.32
N ASP A 132 -8.37 -3.79 15.08
CA ASP A 132 -9.58 -3.13 15.54
C ASP A 132 -10.29 -2.30 14.48
N GLU A 133 -11.17 -1.39 14.93
CA GLU A 133 -12.08 -0.68 14.04
C GLU A 133 -11.37 0.36 13.20
N THR A 134 -10.19 0.83 13.59
CA THR A 134 -9.48 1.83 12.82
C THR A 134 -9.00 1.30 11.47
N TRP A 135 -9.03 0.00 11.25
CA TRP A 135 -8.47 -0.62 10.05
C TRP A 135 -9.53 -0.83 8.96
N ARG A 136 -9.30 -0.18 7.82
CA ARG A 136 -10.10 -0.38 6.61
C ARG A 136 -9.49 -1.53 5.82
N GLY A 137 -10.26 -2.57 5.54
CA GLY A 137 -9.75 -3.74 4.82
C GLY A 137 -10.43 -3.89 3.47
N GLU A 138 -9.65 -4.35 2.49
CA GLU A 138 -10.19 -4.81 1.22
C GLU A 138 -9.65 -6.20 0.90
N THR A 139 -10.56 -7.11 0.55
CA THR A 139 -10.30 -8.52 0.29
C THR A 139 -10.16 -8.79 -1.21
N GLY A 140 -9.27 -9.71 -1.55
CA GLY A 140 -9.19 -10.22 -2.90
C GLY A 140 -9.98 -11.52 -3.03
N GLU A 141 -10.08 -11.99 -4.27
CA GLU A 141 -10.76 -13.26 -4.52
C GLU A 141 -9.92 -14.44 -4.06
N TRP A 142 -10.58 -15.52 -3.67
CA TRP A 142 -9.92 -16.77 -3.35
C TRP A 142 -9.13 -17.29 -4.57
N ARG A 143 -7.93 -17.79 -4.31
CA ARG A 143 -7.04 -18.29 -5.34
C ARG A 143 -6.56 -19.67 -4.93
N PHE A 144 -6.25 -20.52 -5.91
CA PHE A 144 -5.67 -21.82 -5.63
C PHE A 144 -4.15 -21.74 -5.72
N SER A 145 -3.48 -22.21 -4.68
CA SER A 145 -2.03 -22.33 -4.71
C SER A 145 -1.69 -23.68 -5.32
N ARG A 146 -0.54 -23.76 -5.99
CA ARG A 146 -0.12 -25.07 -6.45
C ARG A 146 0.12 -26.03 -5.29
N SER A 147 0.31 -25.53 -4.07
CA SER A 147 0.41 -26.43 -2.93
C SER A 147 -0.89 -27.17 -2.65
N GLY A 148 -2.01 -26.74 -3.22
CA GLY A 148 -3.28 -27.38 -3.00
C GLY A 148 -4.20 -26.63 -2.06
N LEU A 149 -3.68 -25.64 -1.34
CA LEU A 149 -4.47 -24.82 -0.43
C LEU A 149 -4.97 -23.57 -1.15
N ARG A 150 -6.19 -23.17 -0.84
CA ARG A 150 -6.66 -21.88 -1.31
C ARG A 150 -6.13 -20.79 -0.40
N TYR A 151 -6.01 -19.59 -0.97
CA TYR A 151 -5.55 -18.44 -0.21
C TYR A 151 -6.17 -17.19 -0.83
N ARG A 152 -6.21 -16.13 -0.03
CA ARG A 152 -6.66 -14.86 -0.58
C ARG A 152 -5.90 -13.75 0.13
N LEU A 153 -5.76 -12.63 -0.55
CA LEU A 153 -4.95 -11.52 -0.05
C LEU A 153 -5.89 -10.46 0.51
N TYR A 154 -5.61 -9.99 1.72
CA TYR A 154 -6.30 -8.85 2.33
C TYR A 154 -5.34 -7.68 2.40
N SER A 155 -5.81 -6.50 2.03
CA SER A 155 -5.03 -5.27 2.16
CA SER A 155 -5.04 -5.26 2.16
C SER A 155 -5.75 -4.36 3.15
N TYR A 156 -5.15 -4.15 4.31
CA TYR A 156 -5.72 -3.29 5.33
C TYR A 156 -4.97 -1.97 5.37
N HIS A 157 -5.72 -0.88 5.54
CA HIS A 157 -5.13 0.45 5.53
C HIS A 157 -5.78 1.25 6.65
N ARG A 158 -5.02 2.18 7.21
CA ARG A 158 -5.56 3.22 8.05
C ARG A 158 -4.67 4.43 7.93
N SER A 159 -5.21 5.59 8.28
CA SER A 159 -4.43 6.82 8.32
C SER A 159 -3.67 6.93 9.64
N MET B 1 8.83 7.11 -1.17
CA MET B 1 7.65 6.51 -1.79
C MET B 1 6.81 7.58 -2.51
N VAL B 2 6.77 7.51 -3.84
CA VAL B 2 5.82 8.29 -4.63
C VAL B 2 4.77 7.33 -5.13
N GLY B 3 3.51 7.60 -4.78
CA GLY B 3 2.40 6.84 -5.32
C GLY B 3 1.45 7.70 -6.13
N LEU B 4 0.70 7.07 -7.03
CA LEU B 4 -0.38 7.73 -7.77
C LEU B 4 -1.70 7.12 -7.32
N ILE B 5 -2.74 7.95 -7.21
CA ILE B 5 -4.07 7.44 -6.85
C ILE B 5 -5.10 8.10 -7.75
N TRP B 6 -5.95 7.28 -8.38
CA TRP B 6 -6.99 7.78 -9.26
C TRP B 6 -8.15 6.80 -9.32
N ALA B 7 -9.30 7.31 -9.79
CA ALA B 7 -10.46 6.50 -10.12
C ALA B 7 -10.75 6.67 -11.60
N GLN B 8 -10.95 5.56 -12.31
CA GLN B 8 -11.19 5.64 -13.74
C GLN B 8 -12.40 4.81 -14.14
N ALA B 9 -13.08 5.23 -15.20
CA ALA B 9 -13.95 4.31 -15.89
C ALA B 9 -13.09 3.18 -16.45
N THR B 10 -13.73 2.07 -16.81
CA THR B 10 -12.96 0.98 -17.38
C THR B 10 -12.24 1.43 -18.64
N SER B 11 -12.82 2.38 -19.38
CA SER B 11 -12.23 2.90 -20.62
C SER B 11 -10.94 3.70 -20.38
N GLY B 12 -10.67 4.12 -19.14
CA GLY B 12 -9.55 4.99 -18.83
C GLY B 12 -9.90 6.44 -18.58
N VAL B 13 -11.13 6.88 -18.87
CA VAL B 13 -11.50 8.27 -18.61
C VAL B 13 -11.47 8.55 -17.11
N ILE B 14 -10.79 9.64 -16.74
CA ILE B 14 -10.81 10.12 -15.36
C ILE B 14 -11.47 11.48 -15.21
N GLY B 15 -11.61 12.27 -16.26
CA GLY B 15 -12.17 13.61 -16.11
C GLY B 15 -12.74 14.12 -17.41
N ARG B 16 -13.68 15.05 -17.29
CA ARG B 16 -14.32 15.61 -18.47
C ARG B 16 -14.96 16.94 -18.09
N GLY B 17 -14.73 17.97 -18.89
CA GLY B 17 -15.31 19.27 -18.59
C GLY B 17 -14.92 19.86 -17.25
N GLY B 18 -13.74 19.55 -16.73
CA GLY B 18 -13.35 20.06 -15.42
C GLY B 18 -13.99 19.35 -14.26
N ASP B 19 -14.62 18.20 -14.50
CA ASP B 19 -15.33 17.49 -13.46
C ASP B 19 -15.04 16.01 -13.61
N ILE B 20 -15.71 15.19 -12.81
CA ILE B 20 -15.63 13.75 -12.88
C ILE B 20 -17.04 13.26 -13.15
N PRO B 21 -17.26 12.45 -14.19
CA PRO B 21 -18.64 12.14 -14.59
C PRO B 21 -19.26 10.98 -13.84
N TRP B 22 -19.07 10.91 -12.52
CA TRP B 22 -19.73 9.94 -11.67
C TRP B 22 -19.59 10.41 -10.23
N ARG B 23 -20.20 9.66 -9.31
CA ARG B 23 -20.03 9.89 -7.88
C ARG B 23 -19.95 8.53 -7.19
N LEU B 24 -18.86 8.29 -6.48
CA LEU B 24 -18.68 7.03 -5.76
C LEU B 24 -18.16 7.39 -4.38
N PRO B 25 -19.04 7.50 -3.38
CA PRO B 25 -18.58 7.96 -2.05
C PRO B 25 -17.58 7.02 -1.39
N GLU B 26 -17.71 5.70 -1.58
CA GLU B 26 -16.73 4.79 -0.99
C GLU B 26 -15.35 5.02 -1.56
N ASP B 27 -15.28 5.40 -2.83
CA ASP B 27 -13.99 5.70 -3.43
C ASP B 27 -13.40 6.96 -2.82
N GLN B 28 -14.24 7.96 -2.54
CA GLN B 28 -13.75 9.18 -1.87
C GLN B 28 -13.21 8.88 -0.48
N ALA B 29 -13.91 8.03 0.26
CA ALA B 29 -13.44 7.65 1.58
C ALA B 29 -12.13 6.89 1.50
N HIS B 30 -11.99 6.02 0.49
CA HIS B 30 -10.74 5.30 0.27
C HIS B 30 -9.61 6.27 -0.06
N PHE B 31 -9.87 7.23 -0.94
CA PHE B 31 -8.89 8.28 -1.26
C PHE B 31 -8.45 9.01 0.00
N ARG B 32 -9.42 9.37 0.84
CA ARG B 32 -9.09 10.11 2.05
C ARG B 32 -8.19 9.28 2.96
N GLU B 33 -8.52 7.99 3.13
CA GLU B 33 -7.73 7.12 3.99
C GLU B 33 -6.29 7.00 3.51
N ILE B 34 -6.09 6.81 2.20
CA ILE B 34 -4.76 6.61 1.64
C ILE B 34 -3.93 7.89 1.71
N THR B 35 -4.54 9.04 1.48
CA THR B 35 -3.79 10.29 1.37
C THR B 35 -3.65 11.05 2.68
N MET B 36 -4.51 10.82 3.67
CA MET B 36 -4.52 11.64 4.89
C MET B 36 -3.15 11.67 5.56
N GLY B 37 -2.73 12.85 5.97
CA GLY B 37 -1.47 13.04 6.68
C GLY B 37 -0.26 13.26 5.78
N HIS B 38 -0.39 13.01 4.49
CA HIS B 38 0.75 13.00 3.58
C HIS B 38 0.76 14.22 2.69
N THR B 39 1.81 14.31 1.88
CA THR B 39 1.87 15.30 0.82
C THR B 39 1.03 14.81 -0.35
N ILE B 40 0.21 15.69 -0.90
CA ILE B 40 -0.51 15.38 -2.14
C ILE B 40 -0.08 16.38 -3.20
N VAL B 41 0.15 15.87 -4.41
CA VAL B 41 0.66 16.65 -5.52
C VAL B 41 -0.39 16.61 -6.62
N MET B 42 -0.75 17.79 -7.13
CA MET B 42 -1.80 17.88 -8.14
C MET B 42 -1.48 18.98 -9.15
N GLY B 43 -1.97 18.78 -10.36
CA GLY B 43 -1.94 19.86 -11.33
C GLY B 43 -2.91 20.98 -10.99
N ARG B 44 -2.63 22.16 -11.56
CA ARG B 44 -3.44 23.34 -11.25
C ARG B 44 -4.91 23.13 -11.62
N ARG B 45 -5.18 22.45 -12.75
CA ARG B 45 -6.58 22.21 -13.12
C ARG B 45 -7.28 21.33 -12.09
N THR B 46 -6.56 20.38 -11.48
CA THR B 46 -7.20 19.56 -10.46
C THR B 46 -7.41 20.35 -9.19
N TRP B 47 -6.46 21.24 -8.84
CA TRP B 47 -6.69 22.18 -7.75
C TRP B 47 -7.97 22.97 -7.99
N ASP B 48 -8.13 23.53 -9.19
CA ASP B 48 -9.34 24.29 -9.50
C ASP B 48 -10.59 23.43 -9.35
N SER B 49 -10.49 22.14 -9.66
CA SER B 49 -11.62 21.23 -9.61
C SER B 49 -12.05 20.87 -8.19
N LEU B 50 -11.21 21.08 -7.17
CA LEU B 50 -11.56 20.68 -5.81
C LEU B 50 -12.76 21.49 -5.33
N PRO B 51 -13.76 20.86 -4.70
CA PRO B 51 -14.84 21.64 -4.11
C PRO B 51 -14.27 22.60 -3.06
N ALA B 52 -14.81 23.82 -3.04
CA ALA B 52 -14.27 24.87 -2.20
C ALA B 52 -14.12 24.43 -0.75
N LYS B 53 -15.00 23.55 -0.28
CA LYS B 53 -15.01 23.13 1.11
C LYS B 53 -13.84 22.21 1.45
N VAL B 54 -13.19 21.61 0.43
CA VAL B 54 -11.99 20.82 0.67
C VAL B 54 -10.86 21.32 -0.18
N ARG B 55 -10.79 22.63 -0.40
CA ARG B 55 -9.68 23.24 -1.13
C ARG B 55 -9.02 24.20 -0.15
N PRO B 56 -7.89 23.82 0.48
CA PRO B 56 -7.13 22.57 0.35
C PRO B 56 -7.78 21.37 1.03
N LEU B 57 -7.36 20.18 0.62
CA LEU B 57 -7.81 18.97 1.29
C LEU B 57 -7.23 18.91 2.69
N PRO B 58 -8.06 18.70 3.72
CA PRO B 58 -7.59 18.88 5.11
C PRO B 58 -6.60 17.79 5.54
N GLY B 59 -5.69 18.19 6.42
CA GLY B 59 -4.76 17.26 7.01
C GLY B 59 -3.68 16.80 6.06
N ARG B 60 -3.54 17.44 4.92
CA ARG B 60 -2.59 17.03 3.91
C ARG B 60 -1.81 18.25 3.44
N ARG B 61 -0.56 18.06 3.09
CA ARG B 61 0.26 19.14 2.53
C ARG B 61 -0.09 19.23 1.06
N ASN B 62 -0.89 20.23 0.68
CA ASN B 62 -1.37 20.38 -0.70
C ASN B 62 -0.31 21.10 -1.53
N VAL B 63 0.18 20.44 -2.58
CA VAL B 63 1.19 21.00 -3.48
C VAL B 63 0.58 21.04 -4.88
N VAL B 64 0.69 22.19 -5.55
CA VAL B 64 0.04 22.40 -6.85
C VAL B 64 1.12 22.73 -7.87
N LEU B 65 1.08 22.01 -9.00
CA LEU B 65 2.01 22.24 -10.11
C LEU B 65 1.40 23.22 -11.08
N SER B 66 2.14 24.28 -11.40
CA SER B 66 1.70 25.22 -12.40
C SER B 66 2.93 25.77 -13.11
N ARG B 67 2.79 26.02 -14.41
CA ARG B 67 3.82 26.74 -15.14
C ARG B 67 3.63 28.23 -15.04
N GLN B 68 2.52 28.67 -14.44
CA GLN B 68 2.29 30.10 -14.27
C GLN B 68 3.21 30.55 -13.15
N ALA B 69 4.30 31.21 -13.51
CA ALA B 69 5.18 31.73 -12.49
C ALA B 69 4.37 32.73 -11.67
N ASP B 70 4.26 32.45 -10.37
CA ASP B 70 3.49 33.24 -9.41
C ASP B 70 1.97 33.03 -9.51
N PHE B 71 1.47 31.94 -10.13
CA PHE B 71 0.06 31.60 -10.00
C PHE B 71 -0.18 31.19 -8.58
N MET B 72 -1.25 31.61 -7.96
CA MET B 72 -1.29 31.06 -6.63
C MET B 72 -2.63 30.79 -5.98
N ALA B 73 -2.51 29.89 -5.02
CA ALA B 73 -3.53 29.00 -4.50
C ALA B 73 -3.49 29.09 -2.98
N SER B 74 -4.46 29.78 -2.40
CA SER B 74 -4.57 29.89 -0.95
C SER B 74 -4.72 28.51 -0.33
N GLY B 75 -3.75 28.10 0.47
CA GLY B 75 -3.76 26.79 1.06
C GLY B 75 -2.92 25.76 0.34
N ALA B 76 -2.30 26.10 -0.79
CA ALA B 76 -1.42 25.13 -1.41
C ALA B 76 -0.05 25.75 -1.67
N GLU B 77 0.97 24.90 -1.66
CA GLU B 77 2.29 25.29 -2.16
C GLU B 77 2.29 25.14 -3.67
N VAL B 78 2.72 26.18 -4.36
CA VAL B 78 2.83 26.15 -5.81
C VAL B 78 4.28 25.94 -6.20
N VAL B 79 4.53 24.93 -7.03
CA VAL B 79 5.86 24.67 -7.55
C VAL B 79 5.77 24.62 -9.07
N GLY B 80 6.92 24.78 -9.72
CA GLY B 80 6.98 24.86 -11.16
C GLY B 80 7.43 23.61 -11.85
N SER B 81 7.74 22.55 -11.11
CA SER B 81 8.13 21.29 -11.69
C SER B 81 7.79 20.16 -10.74
N LEU B 82 7.52 18.99 -11.30
CA LEU B 82 7.18 17.85 -10.45
C LEU B 82 8.33 17.51 -9.51
N GLU B 83 9.56 17.61 -9.99
CA GLU B 83 10.72 17.27 -9.18
C GLU B 83 10.77 18.13 -7.92
N GLU B 84 10.36 19.39 -8.03
CA GLU B 84 10.29 20.25 -6.84
C GLU B 84 9.19 19.84 -5.89
N ALA B 85 8.15 19.16 -6.38
CA ALA B 85 7.03 18.80 -5.54
C ALA B 85 7.24 17.48 -4.83
N LEU B 86 8.16 16.68 -5.36
CA LEU B 86 8.41 15.32 -4.89
C LEU B 86 9.63 15.29 -3.97
N THR B 87 9.49 15.94 -2.82
CA THR B 87 10.53 15.89 -1.80
C THR B 87 10.02 15.17 -0.57
N SER B 88 8.89 14.49 -0.67
CA SER B 88 8.41 14.15 0.64
C SER B 88 8.36 12.63 0.82
N PRO B 89 8.61 12.19 2.07
CA PRO B 89 8.71 10.75 2.40
C PRO B 89 7.59 9.86 1.85
N GLU B 90 6.35 10.30 1.98
CA GLU B 90 5.25 9.61 1.32
C GLU B 90 4.48 10.71 0.63
N THR B 91 4.46 10.66 -0.70
CA THR B 91 3.77 11.63 -1.53
C THR B 91 2.79 10.88 -2.40
N TRP B 92 1.57 11.41 -2.47
CA TRP B 92 0.56 10.85 -3.34
C TRP B 92 0.25 11.86 -4.43
N VAL B 93 0.48 11.47 -5.67
CA VAL B 93 0.12 12.30 -6.81
C VAL B 93 -1.37 12.05 -7.09
N ILE B 94 -2.17 13.11 -7.06
CA ILE B 94 -3.61 12.96 -7.18
C ILE B 94 -4.15 13.51 -8.50
N GLY B 95 -3.32 13.63 -9.54
CA GLY B 95 -3.81 13.99 -10.86
C GLY B 95 -3.55 15.45 -11.22
N GLY B 96 -4.09 15.86 -12.37
CA GLY B 96 -4.96 15.05 -13.21
C GLY B 96 -4.22 14.29 -14.30
N GLY B 97 -4.81 14.18 -15.49
CA GLY B 97 -4.21 13.38 -16.55
C GLY B 97 -2.79 13.79 -16.89
N GLN B 98 -2.55 15.10 -17.01
CA GLN B 98 -1.20 15.58 -17.33
C GLN B 98 -0.19 15.22 -16.24
N VAL B 99 -0.56 15.42 -14.97
CA VAL B 99 0.41 15.21 -13.88
C VAL B 99 0.64 13.71 -13.63
N TYR B 100 -0.38 12.86 -13.83
CA TYR B 100 -0.13 11.41 -13.73
C TYR B 100 0.92 10.97 -14.73
N ALA B 101 0.83 11.45 -15.98
CA ALA B 101 1.78 11.04 -17.01
C ALA B 101 3.18 11.51 -16.67
N LEU B 102 3.30 12.71 -16.09
CA LEU B 102 4.60 13.21 -15.65
C LEU B 102 5.15 12.48 -14.44
N ALA B 103 4.29 12.00 -13.56
CA ALA B 103 4.79 11.42 -12.32
C ALA B 103 5.03 9.93 -12.41
N LEU B 104 4.41 9.23 -13.37
CA LEU B 104 4.48 7.78 -13.39
C LEU B 104 5.91 7.22 -13.40
N PRO B 105 6.89 7.77 -14.14
CA PRO B 105 8.25 7.20 -14.10
C PRO B 105 8.93 7.29 -12.74
N TYR B 106 8.43 8.15 -11.84
CA TYR B 106 8.94 8.31 -10.49
C TYR B 106 8.18 7.51 -9.45
N ALA B 107 7.18 6.74 -9.86
CA ALA B 107 6.22 6.13 -8.94
C ALA B 107 6.56 4.68 -8.65
N THR B 108 6.25 4.25 -7.42
CA THR B 108 6.41 2.85 -7.05
C THR B 108 5.08 2.14 -6.82
N ARG B 109 4.00 2.89 -6.62
CA ARG B 109 2.68 2.34 -6.38
C ARG B 109 1.63 3.15 -7.11
N CYS B 110 0.60 2.45 -7.58
CA CYS B 110 -0.64 3.07 -8.04
C CYS B 110 -1.81 2.41 -7.31
N GLU B 111 -2.68 3.23 -6.74
CA GLU B 111 -3.92 2.77 -6.11
C GLU B 111 -5.06 3.21 -7.02
N VAL B 112 -5.71 2.25 -7.68
CA VAL B 112 -6.62 2.52 -8.77
C VAL B 112 -8.01 2.00 -8.42
N THR B 113 -9.02 2.85 -8.62
CA THR B 113 -10.41 2.42 -8.58
C THR B 113 -10.93 2.31 -10.02
N GLU B 114 -11.45 1.15 -10.37
CA GLU B 114 -12.12 0.96 -11.64
C GLU B 114 -13.63 1.08 -11.41
N VAL B 115 -14.27 1.99 -12.13
CA VAL B 115 -15.71 2.21 -12.06
C VAL B 115 -16.35 1.52 -13.26
N ASP B 116 -17.28 0.60 -12.99
CA ASP B 116 -17.91 -0.19 -14.06
C ASP B 116 -19.06 0.59 -14.72
N ILE B 117 -18.68 1.59 -15.50
CA ILE B 117 -19.60 2.38 -16.31
C ILE B 117 -19.02 2.40 -17.71
N GLY B 118 -19.87 2.20 -18.69
CA GLY B 118 -19.42 2.17 -20.06
C GLY B 118 -19.38 3.59 -20.59
N LEU B 119 -18.23 4.22 -20.39
CA LEU B 119 -18.05 5.65 -20.62
C LEU B 119 -17.01 5.80 -21.72
N PRO B 120 -17.44 6.05 -22.96
CA PRO B 120 -16.49 6.15 -24.06
C PRO B 120 -15.49 7.28 -23.85
N ARG B 121 -14.28 7.07 -24.37
CA ARG B 121 -13.30 8.15 -24.39
C ARG B 121 -13.69 9.16 -25.46
N GLU B 122 -13.73 10.42 -25.06
CA GLU B 122 -14.15 11.50 -25.93
C GLU B 122 -12.98 12.46 -26.10
N ALA B 123 -12.92 13.15 -27.24
CA ALA B 123 -11.87 14.13 -27.44
C ALA B 123 -11.88 15.14 -26.30
N GLY B 124 -10.69 15.44 -25.77
CA GLY B 124 -10.59 16.37 -24.67
C GLY B 124 -10.63 15.74 -23.29
N ASP B 125 -10.98 14.47 -23.18
CA ASP B 125 -11.02 13.79 -21.88
C ASP B 125 -9.64 13.73 -21.24
N ALA B 126 -9.62 13.82 -19.92
CA ALA B 126 -8.44 13.44 -19.16
C ALA B 126 -8.46 11.91 -18.98
N LEU B 127 -7.29 11.28 -19.16
CA LEU B 127 -7.20 9.83 -19.14
C LEU B 127 -6.22 9.39 -18.07
N ALA B 128 -6.48 8.22 -17.51
CA ALA B 128 -5.52 7.56 -16.64
C ALA B 128 -4.30 7.09 -17.44
N PRO B 129 -3.13 7.01 -16.80
CA PRO B 129 -1.96 6.46 -17.48
C PRO B 129 -2.15 4.96 -17.72
N VAL B 130 -1.57 4.47 -18.79
CA VAL B 130 -1.59 3.04 -19.09
C VAL B 130 -0.41 2.39 -18.36
N LEU B 131 -0.70 1.29 -17.67
CA LEU B 131 0.29 0.60 -16.85
C LEU B 131 0.80 -0.61 -17.62
N ASP B 132 2.08 -0.60 -17.96
CA ASP B 132 2.66 -1.69 -18.73
C ASP B 132 2.89 -2.92 -17.86
N GLU B 133 3.71 -3.86 -18.35
CA GLU B 133 3.89 -5.14 -17.68
C GLU B 133 4.72 -5.01 -16.42
N THR B 134 5.55 -3.97 -16.31
CA THR B 134 6.37 -3.81 -15.12
C THR B 134 5.54 -3.56 -13.87
N TRP B 135 4.25 -3.31 -14.01
CA TRP B 135 3.40 -3.03 -12.85
C TRP B 135 2.72 -4.32 -12.42
N ARG B 136 3.09 -4.79 -11.24
CA ARG B 136 2.45 -5.90 -10.54
C ARG B 136 1.24 -5.45 -9.76
N GLY B 137 0.09 -6.01 -10.15
CA GLY B 137 -1.19 -5.62 -9.62
C GLY B 137 -1.84 -6.74 -8.84
N GLU B 138 -2.61 -6.35 -7.82
CA GLU B 138 -3.50 -7.26 -7.14
C GLU B 138 -4.92 -6.72 -7.29
N THR B 139 -5.83 -7.58 -7.75
CA THR B 139 -7.19 -7.18 -8.03
C THR B 139 -8.08 -7.47 -6.83
N GLY B 140 -8.98 -6.55 -6.53
CA GLY B 140 -10.00 -6.79 -5.54
C GLY B 140 -11.29 -7.27 -6.16
N GLU B 141 -12.22 -7.65 -5.28
CA GLU B 141 -13.53 -8.10 -5.72
C GLU B 141 -14.39 -6.93 -6.18
N TRP B 142 -15.26 -7.20 -7.15
CA TRP B 142 -16.27 -6.22 -7.55
C TRP B 142 -17.18 -5.88 -6.37
N ARG B 143 -17.48 -4.58 -6.23
CA ARG B 143 -18.34 -4.10 -5.16
C ARG B 143 -19.38 -3.15 -5.73
N PHE B 144 -20.55 -3.14 -5.10
CA PHE B 144 -21.61 -2.18 -5.43
C PHE B 144 -21.56 -1.02 -4.45
N SER B 145 -21.59 0.20 -4.98
CA SER B 145 -21.57 1.42 -4.19
C SER B 145 -22.99 1.85 -3.81
N ARG B 146 -23.07 2.64 -2.73
CA ARG B 146 -24.33 3.29 -2.39
C ARG B 146 -24.84 4.18 -3.51
N SER B 147 -23.97 4.64 -4.40
CA SER B 147 -24.40 5.42 -5.55
C SER B 147 -25.14 4.58 -6.57
N GLY B 148 -24.96 3.25 -6.55
CA GLY B 148 -25.53 2.33 -7.52
C GLY B 148 -24.55 1.78 -8.52
N LEU B 149 -23.34 2.32 -8.58
CA LEU B 149 -22.32 1.89 -9.53
C LEU B 149 -21.50 0.75 -8.94
N ARG B 150 -21.10 -0.17 -9.80
CA ARG B 150 -20.15 -1.20 -9.42
C ARG B 150 -18.72 -0.67 -9.58
N TYR B 151 -17.82 -1.13 -8.70
CA TYR B 151 -16.43 -0.65 -8.74
C TYR B 151 -15.52 -1.69 -8.10
N ARG B 152 -14.23 -1.58 -8.40
CA ARG B 152 -13.26 -2.46 -7.76
C ARG B 152 -11.92 -1.74 -7.59
N LEU B 153 -11.14 -2.19 -6.61
CA LEU B 153 -9.88 -1.56 -6.26
C LEU B 153 -8.70 -2.39 -6.75
N TYR B 154 -7.73 -1.72 -7.39
CA TYR B 154 -6.45 -2.32 -7.76
C TYR B 154 -5.31 -1.71 -6.97
N SER B 155 -4.37 -2.54 -6.52
CA SER B 155 -3.15 -2.05 -5.88
C SER B 155 -1.96 -2.48 -6.76
N TYR B 156 -1.36 -1.52 -7.47
CA TYR B 156 -0.23 -1.79 -8.35
C TYR B 156 1.07 -1.42 -7.67
N HIS B 157 2.10 -2.22 -7.90
CA HIS B 157 3.40 -1.99 -7.28
C HIS B 157 4.52 -2.38 -8.24
N ARG B 158 5.67 -1.73 -8.07
CA ARG B 158 6.91 -2.23 -8.66
C ARG B 158 8.11 -1.86 -7.80
N SER B 159 9.18 -2.66 -7.93
CA SER B 159 10.45 -2.33 -7.29
C SER B 159 11.57 -2.25 -8.32
PA NDP C . 9.37 -13.29 17.12
O1A NDP C . 9.80 -13.62 15.73
O2A NDP C . 8.34 -12.22 17.36
O5B NDP C . 10.83 -12.96 17.88
C5B NDP C . 10.64 -12.92 19.28
C4B NDP C . 12.00 -12.35 19.78
O4B NDP C . 12.14 -11.01 19.32
C3B NDP C . 12.15 -12.33 21.33
O3B NDP C . 12.59 -13.61 21.78
C2B NDP C . 13.31 -11.28 21.45
O2B NDP C . 14.47 -11.72 20.97
C1B NDP C . 12.81 -10.25 20.37
N9A NDP C . 11.91 -9.24 20.94
C8A NDP C . 10.54 -9.29 21.21
N7A NDP C . 10.06 -8.15 21.78
C5A NDP C . 11.20 -7.32 21.88
C6A NDP C . 11.40 -6.01 22.37
N6A NDP C . 10.38 -5.24 22.89
N1A NDP C . 12.66 -5.44 22.34
C2A NDP C . 13.65 -6.23 21.83
N3A NDP C . 13.61 -7.48 21.33
C4A NDP C . 12.35 -8.01 21.37
O3 NDP C . 8.97 -14.74 17.85
PN NDP C . 7.49 -15.36 17.72
O1N NDP C . 7.66 -16.68 18.37
O2N NDP C . 6.31 -14.49 18.12
O5D NDP C . 7.18 -15.69 16.10
C5D NDP C . 8.07 -16.66 15.57
C4D NDP C . 7.18 -17.70 14.88
O4D NDP C . 6.30 -17.05 13.91
C3D NDP C . 8.00 -18.79 14.11
O3D NDP C . 7.19 -19.95 14.15
C2D NDP C . 8.03 -18.23 12.70
O2D NDP C . 8.17 -19.25 11.71
C1D NDP C . 6.56 -17.64 12.63
N1N NDP C . 6.41 -16.59 11.60
C2N NDP C . 5.37 -16.68 10.70
C3N NDP C . 5.06 -15.63 9.89
C7N NDP C . 3.92 -15.70 8.98
O7N NDP C . 3.58 -14.74 8.28
N7N NDP C . 3.19 -16.86 8.89
C4N NDP C . 5.83 -14.36 9.91
C5N NDP C . 7.00 -14.40 10.84
C6N NDP C . 7.25 -15.45 11.62
P2B NDP C . 15.68 -12.38 22.08
O1X NDP C . 14.93 -13.58 22.59
O2X NDP C . 16.86 -12.68 21.13
O3X NDP C . 15.86 -11.22 23.01
CO CO D . 8.02 -1.66 -2.82
C1 LYA E . 9.87 -15.62 5.47
C2 LYA E . 9.31 -14.96 4.37
C3 LYA E . 9.85 -15.20 3.08
C4 LYA E . 10.90 -16.08 2.96
C5 LYA E . 11.45 -16.70 4.05
C6 LYA E . 10.92 -16.50 5.31
C7 LYA E . 9.37 -15.46 6.90
C8 LYA E . 7.88 -15.70 7.06
C9 LYA E . 7.02 -14.48 6.75
C10 LYA E . 7.06 -13.20 7.32
N11 LYA E . 6.10 -12.42 6.79
C12 LYA E . 5.44 -13.14 5.90
C13 LYA E . 5.97 -14.45 5.82
C14 LYA E . 5.36 -15.44 4.85
O15 LYA E . 5.72 -16.58 4.70
N16 LYA E . 4.30 -14.99 4.08
C17 LYA E . 3.77 -13.66 4.15
N18 LYA E . 4.33 -12.71 5.07
N19 LYA E . 2.66 -13.27 3.31
C20 LYA E . 11.56 -16.33 1.61
O21 LYA E . 12.19 -17.29 1.32
N22 LYA E . 11.42 -15.21 0.71
C23 LYA E . 11.97 -15.13 -0.61
C24 LYA E . 11.03 -15.58 -1.70
C25 LYA E . 11.64 -16.85 -2.25
C26 LYA E . 10.61 -17.55 -3.11
O27 LYA E . 10.53 -18.82 -3.03
O28 LYA E . 9.87 -16.83 -3.84
C29 LYA E . 12.31 -13.64 -0.81
O30 LYA E . 13.29 -13.30 -1.54
O31 LYA E . 11.55 -12.80 -0.26
S SO4 F . 13.59 -25.00 4.58
O1 SO4 F . 14.66 -25.46 5.46
O2 SO4 F . 12.72 -24.10 5.34
O3 SO4 F . 12.85 -26.15 4.07
O4 SO4 F . 14.18 -24.29 3.45
S SO4 G . 13.91 -19.29 22.19
O1 SO4 G . 15.31 -19.45 22.60
O2 SO4 G . 13.20 -18.43 23.14
O3 SO4 G . 13.26 -20.60 22.14
O4 SO4 G . 13.86 -18.69 20.86
PA NDP H . -4.07 18.55 -14.56
O1A NDP H . -4.88 18.44 -13.32
O2A NDP H . -3.07 17.49 -14.89
O5B NDP H . -3.37 20.06 -14.43
C5B NDP H . -2.72 20.36 -15.64
C4B NDP H . -1.91 21.67 -15.30
O4B NDP H . -0.86 21.34 -14.44
C3B NDP H . -1.31 22.44 -16.50
O3B NDP H . -2.30 23.25 -17.07
C2B NDP H . -0.31 23.32 -15.71
O2B NDP H . -0.89 24.23 -14.92
C1B NDP H . 0.24 22.24 -14.72
N9A NDP H . 1.31 21.45 -15.27
C8A NDP H . 1.23 20.37 -16.13
N7A NDP H . 2.44 19.86 -16.45
C5A NDP H . 3.34 20.67 -15.74
C6A NDP H . 4.75 20.67 -15.64
N6A NDP H . 5.49 19.74 -16.32
N1A NDP H . 5.40 21.59 -14.87
C2A NDP H . 4.61 22.50 -14.22
N3A NDP H . 3.27 22.64 -14.22
C4A NDP H . 2.65 21.67 -15.00
O3 NDP H . -5.19 18.84 -15.76
PN NDP H . -5.96 17.63 -16.49
O1N NDP H . -6.96 18.33 -17.32
O2N NDP H . -5.11 16.53 -17.12
O5D NDP H . -6.89 16.76 -15.34
C5D NDP H . -7.96 17.54 -14.91
C4D NDP H . -9.21 16.67 -15.01
O4D NDP H . -8.96 15.46 -14.31
C3D NDP H . -10.44 17.32 -14.31
O3D NDP H . -11.59 16.92 -15.02
C2D NDP H . -10.45 16.63 -12.96
O2D NDP H . -11.75 16.53 -12.44
C1D NDP H . -10.01 15.22 -13.40
N1N NDP H . -9.43 14.42 -12.29
C2N NDP H . -9.92 13.14 -12.02
C3N NDP H . -9.28 12.32 -11.15
C7N NDP H . -9.75 10.96 -10.93
O7N NDP H . -9.15 10.17 -10.20
N7N NDP H . -10.90 10.53 -11.57
C4N NDP H . -8.06 12.73 -10.42
C5N NDP H . -7.64 14.12 -10.69
C6N NDP H . -8.30 14.90 -11.58
P2B NDP H . -0.87 25.92 -15.55
O1X NDP H . -1.41 26.58 -14.32
O2X NDP H . 0.59 26.20 -15.90
O3X NDP H . -1.84 25.72 -16.69
CO CO I . -0.90 6.77 5.03
C1 LYA J . -10.77 14.95 -5.34
C2 LYA J . -11.69 15.93 -5.01
C3 LYA J . -12.33 15.88 -3.77
C4 LYA J . -12.06 14.85 -2.90
C5 LYA J . -11.15 13.88 -3.22
C6 LYA J . -10.50 13.92 -4.45
C7 LYA J . -10.06 14.98 -6.69
C8 LYA J . -10.27 13.73 -7.53
C9 LYA J . -9.26 12.59 -7.29
C10 LYA J . -7.87 12.62 -7.38
N11 LYA J . -7.37 11.41 -7.13
C12 LYA J . -8.38 10.59 -6.90
C13 LYA J . -9.61 11.28 -6.99
C14 LYA J . -10.91 10.53 -6.75
O15 LYA J . -12.01 11.03 -6.82
N16 LYA J . -10.80 9.16 -6.45
C17 LYA J . -9.56 8.46 -6.36
N18 LYA J . -8.33 9.17 -6.59
N19 LYA J . -9.54 7.06 -6.03
C20 LYA J . -12.78 14.88 -1.53
O21 LYA J . -13.76 15.51 -1.31
N22 LYA J . -12.14 14.10 -0.50
C23 LYA J . -12.59 14.02 0.88
C24 LYA J . -13.35 12.77 1.25
C25 LYA J . -14.77 13.16 1.61
C26 LYA J . -15.70 11.99 1.33
O27 LYA J . -16.73 12.19 0.62
O28 LYA J . -15.42 10.85 1.78
C29 LYA J . -11.24 13.96 1.61
O30 LYA J . -10.28 13.39 1.00
O31 LYA J . -11.13 14.45 2.78
S SO4 K . -7.73 26.18 -18.27
O1 SO4 K . -8.74 26.65 -19.20
O2 SO4 K . -7.65 27.10 -17.14
O3 SO4 K . -8.08 24.85 -17.78
O4 SO4 K . -6.43 26.11 -18.95
S SO4 L . -17.25 4.04 3.36
O1 SO4 L . -17.77 5.21 2.64
O2 SO4 L . -16.50 4.47 4.54
O3 SO4 L . -18.37 3.21 3.79
O4 SO4 L . -16.36 3.27 2.49
#